data_3NPI
#
_entry.id   3NPI
#
_cell.length_a   137.238
_cell.length_b   137.238
_cell.length_c   54.725
_cell.angle_alpha   90.000
_cell.angle_beta   90.000
_cell.angle_gamma   120.000
#
_symmetry.space_group_name_H-M   'P 32 2 1'
#
loop_
_entity.id
_entity.type
_entity.pdbx_description
1 polymer 'TetR family regulatory protein'
2 non-polymer 'SULFATE ION'
#
_entity_poly.entity_id   1
_entity_poly.type   'polypeptide(L)'
_entity_poly.pdbx_seq_one_letter_code
;G(MSE)NESSTHDSVADDPTEVSTDTVLDIALSLFSELGFSDAKLEAIAKKSG(MSE)SKR(MSE)IHYHFGDKRGLYIC
CLEEAVRRLRPTAEE(MSE)YLASAVPVEGVRTIVEAVFHRYVQHPEAVR(MSE)LQ(MSE)ENLHHYGKVAEASPLSDQ
SAITLQLDRLL(MSE)LGQDAGAFRPGISAQDVFTLIASIAVFRINSRSTTLNLYGID(MSE)(MSE)NGDNTDG(MSE)
RR(MSE)AVDTVLAFLTSNLKSADEDSYLSRPLLSTVTEHVDEEGSYEVAADPFS
;
_entity_poly.pdbx_strand_id   A,B
#
# COMPACT_ATOMS: atom_id res chain seq x y z
N THR A 16 13.08 34.60 -21.30
CA THR A 16 12.52 34.14 -20.04
C THR A 16 11.03 33.79 -20.19
N GLU A 17 10.71 32.47 -20.14
CA GLU A 17 9.32 31.99 -20.28
C GLU A 17 9.14 30.60 -19.65
N VAL A 18 8.05 30.39 -18.89
CA VAL A 18 7.75 29.10 -18.26
C VAL A 18 7.28 28.08 -19.31
N SER A 19 7.64 26.80 -19.11
CA SER A 19 7.29 25.74 -20.06
C SER A 19 6.10 24.89 -19.58
N THR A 20 5.56 24.04 -20.48
CA THR A 20 4.45 23.13 -20.13
C THR A 20 4.90 22.11 -19.07
N ASP A 21 6.16 21.62 -19.17
CA ASP A 21 6.71 20.67 -18.19
C ASP A 21 6.91 21.32 -16.81
N THR A 22 7.25 22.63 -16.78
CA THR A 22 7.46 23.35 -15.52
C THR A 22 6.15 23.48 -14.73
N VAL A 23 5.06 23.91 -15.40
CA VAL A 23 3.73 24.04 -14.78
C VAL A 23 3.22 22.65 -14.33
N LEU A 24 3.48 21.62 -15.14
CA LEU A 24 3.08 20.24 -14.83
C LEU A 24 3.76 19.74 -13.54
N ASP A 25 5.02 20.17 -13.30
CA ASP A 25 5.76 19.76 -12.11
C ASP A 25 5.21 20.44 -10.83
N ILE A 26 4.99 21.79 -10.88
CA ILE A 26 4.43 22.53 -9.75
C ILE A 26 3.03 22.03 -9.39
N ALA A 27 2.18 21.79 -10.41
CA ALA A 27 0.81 21.31 -10.21
C ALA A 27 0.80 19.91 -9.58
N LEU A 28 1.70 19.00 -10.03
CA LEU A 28 1.78 17.62 -9.51
C LEU A 28 2.08 17.63 -8.00
N SER A 29 2.98 18.53 -7.55
CA SER A 29 3.36 18.63 -6.14
C SER A 29 2.18 19.11 -5.26
N LEU A 30 1.43 20.15 -5.72
CA LEU A 30 0.28 20.68 -4.97
C LEU A 30 -0.85 19.65 -4.86
N PHE A 31 -1.18 18.97 -5.98
CA PHE A 31 -2.25 17.96 -5.99
C PHE A 31 -1.92 16.78 -5.05
N SER A 32 -0.62 16.42 -4.95
CA SER A 32 -0.19 15.30 -4.11
C SER A 32 -0.20 15.67 -2.61
N GLU A 33 -0.18 16.99 -2.30
CA GLU A 33 -0.13 17.44 -0.91
C GLU A 33 -1.50 17.93 -0.41
N LEU A 34 -2.15 18.81 -1.18
CA LEU A 34 -3.39 19.46 -0.73
C LEU A 34 -4.66 18.77 -1.29
N GLY A 35 -4.50 18.04 -2.38
CA GLY A 35 -5.62 17.43 -3.10
C GLY A 35 -6.17 18.35 -4.17
N PHE A 36 -7.15 17.86 -4.95
CA PHE A 36 -7.73 18.64 -6.06
C PHE A 36 -8.51 19.86 -5.57
N SER A 37 -9.19 19.73 -4.43
CA SER A 37 -10.04 20.81 -3.89
C SER A 37 -9.22 22.02 -3.41
N ASP A 38 -8.18 21.78 -2.56
CA ASP A 38 -7.41 22.86 -1.93
C ASP A 38 -6.36 23.46 -2.88
N ALA A 39 -5.76 22.64 -3.76
CA ALA A 39 -4.74 23.14 -4.71
C ALA A 39 -5.38 24.09 -5.73
N LYS A 40 -5.06 25.39 -5.64
CA LYS A 40 -5.68 26.41 -6.48
C LYS A 40 -4.81 26.74 -7.70
N LEU A 41 -5.45 27.09 -8.85
CA LEU A 41 -4.74 27.45 -10.08
C LEU A 41 -3.93 28.73 -9.88
N GLU A 42 -4.44 29.68 -9.05
CA GLU A 42 -3.73 30.94 -8.75
C GLU A 42 -2.40 30.66 -8.02
N ALA A 43 -2.40 29.65 -7.11
CA ALA A 43 -1.20 29.25 -6.39
C ALA A 43 -0.19 28.61 -7.35
N ILE A 44 -0.69 27.79 -8.31
CA ILE A 44 0.17 27.16 -9.33
C ILE A 44 0.74 28.23 -10.28
N ALA A 45 -0.11 29.21 -10.67
CA ALA A 45 0.31 30.32 -11.55
C ALA A 45 1.37 31.19 -10.88
N LYS A 46 1.25 31.41 -9.55
CA LYS A 46 2.20 32.22 -8.79
C LYS A 46 3.59 31.55 -8.74
N LYS A 47 3.61 30.21 -8.49
CA LYS A 47 4.87 29.46 -8.41
C LYS A 47 5.47 29.20 -9.80
N SER A 48 4.62 28.81 -10.78
CA SER A 48 5.09 28.46 -12.14
C SER A 48 5.56 29.70 -12.91
N GLY A 49 4.90 30.82 -12.69
CA GLY A 49 5.17 32.05 -13.43
C GLY A 49 4.32 32.18 -14.67
N SER A 51 0.75 32.57 -16.47
CA SER A 51 -0.55 33.16 -16.12
C SER A 51 -1.67 32.10 -16.12
N LYS A 52 -2.69 32.28 -15.25
CA LYS A 52 -3.83 31.36 -15.15
C LYS A 52 -4.52 31.21 -16.53
N ARG A 53 -4.59 32.31 -17.31
CA ARG A 53 -5.18 32.30 -18.65
C ARG A 53 -4.40 31.37 -19.61
N ILE A 55 -2.37 28.86 -18.65
CA ILE A 55 -2.45 27.49 -18.13
C ILE A 55 -3.71 26.79 -18.68
N HIS A 56 -4.82 27.55 -18.86
CA HIS A 56 -6.05 27.03 -19.46
C HIS A 56 -5.87 26.76 -20.96
N TYR A 57 -4.95 27.50 -21.61
CA TYR A 57 -4.71 27.34 -23.05
C TYR A 57 -4.09 25.98 -23.39
N HIS A 58 -3.13 25.51 -22.56
CA HIS A 58 -2.43 24.26 -22.84
C HIS A 58 -3.11 23.06 -22.17
N PHE A 59 -3.61 23.23 -20.93
CA PHE A 59 -4.17 22.12 -20.15
C PHE A 59 -5.70 22.05 -20.20
N GLY A 60 -6.32 23.02 -20.87
CA GLY A 60 -7.79 23.08 -20.96
C GLY A 60 -8.42 23.59 -19.69
N ASP A 61 -8.87 22.68 -18.83
CA ASP A 61 -9.45 23.04 -17.54
C ASP A 61 -8.62 22.47 -16.38
N LYS A 62 -9.02 22.75 -15.12
CA LYS A 62 -8.28 22.27 -13.94
C LYS A 62 -8.23 20.73 -13.90
N ARG A 63 -9.32 20.05 -14.32
CA ARG A 63 -9.34 18.59 -14.37
C ARG A 63 -8.43 18.05 -15.47
N GLY A 64 -8.29 18.82 -16.55
CA GLY A 64 -7.36 18.49 -17.62
C GLY A 64 -5.92 18.50 -17.13
N LEU A 65 -5.56 19.54 -16.33
CA LEU A 65 -4.25 19.65 -15.70
C LEU A 65 -4.05 18.51 -14.68
N TYR A 66 -5.12 18.18 -13.91
CA TYR A 66 -5.07 17.11 -12.91
C TYR A 66 -4.76 15.73 -13.55
N ILE A 67 -5.43 15.41 -14.68
CA ILE A 67 -5.21 14.13 -15.38
C ILE A 67 -3.79 14.08 -15.99
N CYS A 68 -3.27 15.23 -16.45
CA CYS A 68 -1.91 15.33 -16.97
C CYS A 68 -0.87 15.07 -15.86
N CYS A 69 -1.23 15.40 -14.59
CA CYS A 69 -0.36 15.12 -13.45
C CYS A 69 -0.36 13.63 -13.11
N LEU A 70 -1.53 12.95 -13.26
CA LEU A 70 -1.64 11.50 -13.03
C LEU A 70 -0.85 10.73 -14.07
N GLU A 71 -0.92 11.16 -15.35
CA GLU A 71 -0.17 10.54 -16.44
C GLU A 71 1.34 10.72 -16.21
N GLU A 72 1.74 11.90 -15.69
CA GLU A 72 3.14 12.17 -15.37
C GLU A 72 3.59 11.32 -14.16
N ALA A 73 2.71 11.17 -13.14
CA ALA A 73 3.00 10.36 -11.96
C ALA A 73 3.31 8.91 -12.34
N VAL A 74 2.55 8.35 -13.33
CA VAL A 74 2.75 6.97 -13.79
C VAL A 74 4.10 6.80 -14.51
N ARG A 75 4.48 7.77 -15.39
CA ARG A 75 5.75 7.65 -16.13
C ARG A 75 6.97 7.88 -15.22
N ARG A 76 6.79 8.63 -14.10
CA ARG A 76 7.87 8.85 -13.12
C ARG A 76 8.18 7.55 -12.34
N LEU A 77 7.16 6.67 -12.17
CA LEU A 77 7.31 5.42 -11.43
C LEU A 77 7.54 4.23 -12.37
N ARG A 78 7.66 4.49 -13.68
CA ARG A 78 7.92 3.44 -14.68
C ARG A 78 9.42 3.39 -15.02
N PRO A 79 10.14 2.31 -14.61
CA PRO A 79 11.59 2.26 -14.91
C PRO A 79 11.88 2.13 -16.40
N THR A 80 12.94 2.83 -16.88
CA THR A 80 13.31 2.85 -18.30
C THR A 80 13.89 1.51 -18.75
N ALA A 81 13.95 1.28 -20.08
CA ALA A 81 14.49 0.05 -20.66
C ALA A 81 15.95 -0.17 -20.28
N GLU A 82 16.70 0.93 -20.03
CA GLU A 82 18.10 0.86 -19.59
C GLU A 82 18.19 0.28 -18.18
N GLU A 83 17.23 0.64 -17.30
CA GLU A 83 17.18 0.08 -15.94
C GLU A 83 16.62 -1.35 -15.95
N TYR A 85 17.33 -3.63 -18.46
CA TYR A 85 18.31 -4.53 -19.06
C TYR A 85 19.18 -5.21 -18.00
N LEU A 86 19.10 -6.56 -17.89
CA LEU A 86 19.89 -7.33 -16.94
C LEU A 86 21.27 -7.66 -17.53
N ALA A 87 22.36 -7.24 -16.83
CA ALA A 87 23.72 -7.47 -17.34
C ALA A 87 24.11 -8.97 -17.24
N SER A 88 24.06 -9.55 -16.03
CA SER A 88 24.32 -10.98 -15.85
C SER A 88 23.10 -11.81 -16.27
N ALA A 89 23.29 -12.76 -17.19
CA ALA A 89 22.17 -13.58 -17.70
C ALA A 89 21.76 -14.67 -16.68
N VAL A 90 21.39 -14.27 -15.45
CA VAL A 90 20.93 -15.19 -14.41
C VAL A 90 19.45 -14.89 -14.06
N PRO A 91 18.54 -15.90 -14.10
CA PRO A 91 17.11 -15.62 -13.83
C PRO A 91 16.88 -14.95 -12.47
N VAL A 92 17.60 -15.41 -11.43
CA VAL A 92 17.47 -14.87 -10.08
C VAL A 92 18.03 -13.43 -9.98
N GLU A 93 19.27 -13.21 -10.48
CA GLU A 93 19.91 -11.89 -10.45
C GLU A 93 19.21 -10.91 -11.41
N GLY A 94 18.58 -11.45 -12.46
CA GLY A 94 17.80 -10.65 -13.40
C GLY A 94 16.55 -10.07 -12.75
N VAL A 95 15.82 -10.91 -11.98
CA VAL A 95 14.65 -10.46 -11.23
C VAL A 95 15.06 -9.46 -10.14
N ARG A 96 16.21 -9.71 -9.47
CA ARG A 96 16.75 -8.79 -8.46
C ARG A 96 16.94 -7.39 -9.04
N THR A 97 17.48 -7.30 -10.28
CA THR A 97 17.69 -6.02 -10.97
C THR A 97 16.35 -5.32 -11.23
N ILE A 98 15.33 -6.08 -11.69
CA ILE A 98 13.99 -5.53 -11.94
C ILE A 98 13.38 -4.98 -10.64
N VAL A 99 13.43 -5.78 -9.54
CA VAL A 99 12.86 -5.36 -8.24
C VAL A 99 13.53 -4.08 -7.72
N GLU A 100 14.87 -4.04 -7.70
CA GLU A 100 15.62 -2.88 -7.21
C GLU A 100 15.41 -1.64 -8.09
N ALA A 101 15.30 -1.85 -9.44
CA ALA A 101 15.06 -0.76 -10.39
C ALA A 101 13.68 -0.13 -10.15
N VAL A 102 12.64 -0.97 -9.96
CA VAL A 102 11.28 -0.50 -9.70
C VAL A 102 11.21 0.21 -8.34
N PHE A 103 11.74 -0.45 -7.28
CA PHE A 103 11.71 0.10 -5.93
C PHE A 103 12.41 1.46 -5.84
N HIS A 104 13.56 1.61 -6.55
CA HIS A 104 14.33 2.87 -6.54
C HIS A 104 13.50 4.06 -7.03
N ARG A 105 12.70 3.87 -8.11
CA ARG A 105 11.87 4.94 -8.66
C ARG A 105 10.79 5.38 -7.68
N TYR A 106 10.27 4.43 -6.88
CA TYR A 106 9.30 4.76 -5.83
C TYR A 106 9.95 5.58 -4.73
N VAL A 107 11.21 5.27 -4.39
CA VAL A 107 11.97 6.02 -3.38
C VAL A 107 12.27 7.45 -3.89
N GLN A 108 12.66 7.57 -5.18
CA GLN A 108 13.01 8.87 -5.78
C GLN A 108 11.80 9.74 -6.09
N HIS A 109 10.61 9.12 -6.26
CA HIS A 109 9.41 9.88 -6.60
C HIS A 109 8.26 9.63 -5.61
N PRO A 110 8.39 10.06 -4.33
CA PRO A 110 7.28 9.89 -3.37
C PRO A 110 6.09 10.78 -3.73
N GLU A 111 6.35 11.92 -4.40
CA GLU A 111 5.28 12.84 -4.83
C GLU A 111 4.38 12.17 -5.89
N ALA A 112 4.98 11.30 -6.75
CA ALA A 112 4.22 10.56 -7.77
C ALA A 112 3.35 9.48 -7.10
N VAL A 113 3.85 8.88 -5.99
CA VAL A 113 3.11 7.88 -5.23
C VAL A 113 1.89 8.50 -4.55
N ARG A 114 2.09 9.66 -3.85
CA ARG A 114 0.99 10.38 -3.21
C ARG A 114 -0.01 10.89 -4.25
N LEU A 116 -0.91 9.43 -7.17
CA LEU A 116 -1.79 8.33 -7.55
C LEU A 116 -2.69 7.88 -6.39
N GLN A 117 -2.19 8.01 -5.14
CA GLN A 117 -2.98 7.65 -3.95
C GLN A 117 -4.10 8.65 -3.70
N GLU A 119 -5.88 10.02 -6.12
CA GLU A 119 -6.93 9.55 -7.02
C GLU A 119 -7.62 8.29 -6.48
N ASN A 120 -6.82 7.38 -5.89
CA ASN A 120 -7.35 6.11 -5.36
C ASN A 120 -8.26 6.33 -4.12
N LEU A 121 -8.04 7.43 -3.35
CA LEU A 121 -8.92 7.77 -2.22
C LEU A 121 -10.14 8.53 -2.71
N HIS A 122 -9.96 9.83 -3.07
CA HIS A 122 -11.01 10.62 -3.67
C HIS A 122 -10.90 10.50 -5.16
N HIS A 123 -11.89 9.89 -5.80
CA HIS A 123 -11.81 9.62 -7.23
C HIS A 123 -12.12 10.88 -8.05
N TYR A 124 -11.19 11.86 -8.03
CA TYR A 124 -11.38 13.15 -8.70
C TYR A 124 -11.55 12.99 -10.21
N GLY A 125 -10.80 12.06 -10.80
CA GLY A 125 -10.82 11.84 -12.24
C GLY A 125 -11.55 10.58 -12.67
N LYS A 126 -12.21 9.86 -11.70
CA LYS A 126 -12.91 8.59 -12.00
C LYS A 126 -12.09 7.75 -13.00
N VAL A 127 -10.82 7.52 -12.67
CA VAL A 127 -9.84 6.92 -13.58
C VAL A 127 -10.09 5.43 -13.86
N ALA A 128 -10.65 4.69 -12.88
CA ALA A 128 -10.91 3.24 -13.02
C ALA A 128 -11.74 2.93 -14.29
N GLU A 129 -12.84 3.68 -14.51
CA GLU A 129 -13.68 3.50 -15.69
C GLU A 129 -13.36 4.56 -16.77
N ALA A 130 -12.05 4.77 -17.05
CA ALA A 130 -11.62 5.76 -18.03
C ALA A 130 -10.44 5.22 -18.88
N SER A 131 -10.00 6.01 -19.89
CA SER A 131 -8.89 5.63 -20.76
C SER A 131 -7.59 5.44 -19.96
N PRO A 132 -6.77 4.39 -20.27
CA PRO A 132 -5.55 4.15 -19.49
C PRO A 132 -4.62 5.38 -19.45
N LEU A 133 -4.05 5.67 -18.26
CA LEU A 133 -3.15 6.83 -18.08
C LEU A 133 -1.84 6.63 -18.85
N SER A 134 -1.40 5.36 -18.99
CA SER A 134 -0.15 5.03 -19.68
C SER A 134 -0.19 3.57 -20.17
N ASP A 135 0.59 3.26 -21.22
CA ASP A 135 0.68 1.89 -21.73
C ASP A 135 1.77 1.10 -20.97
N GLN A 136 1.38 0.42 -19.87
CA GLN A 136 2.34 -0.31 -19.02
C GLN A 136 2.58 -1.73 -19.55
N SER A 137 2.24 -2.01 -20.83
CA SER A 137 2.37 -3.35 -21.41
C SER A 137 3.81 -3.71 -21.75
N ALA A 138 4.69 -2.69 -21.91
CA ALA A 138 6.10 -2.92 -22.26
C ALA A 138 6.89 -3.46 -21.07
N ILE A 139 6.62 -2.93 -19.85
CA ILE A 139 7.28 -3.39 -18.63
C ILE A 139 6.80 -4.78 -18.24
N THR A 140 5.52 -5.10 -18.54
CA THR A 140 4.94 -6.42 -18.23
C THR A 140 5.48 -7.49 -19.18
N LEU A 141 5.65 -7.15 -20.49
CA LEU A 141 6.12 -8.10 -21.49
C LEU A 141 7.57 -8.56 -21.21
N GLN A 142 8.41 -7.66 -20.66
CA GLN A 142 9.81 -7.97 -20.37
C GLN A 142 9.93 -8.88 -19.12
N LEU A 143 9.14 -8.59 -18.05
CA LEU A 143 9.17 -9.40 -16.82
C LEU A 143 8.57 -10.78 -17.06
N ASP A 144 7.53 -10.87 -17.93
CA ASP A 144 6.92 -12.16 -18.30
C ASP A 144 7.93 -13.07 -19.00
N ARG A 145 8.86 -12.47 -19.78
CA ARG A 145 9.90 -13.22 -20.49
C ARG A 145 10.95 -13.76 -19.51
N LEU A 146 11.35 -12.93 -18.53
CA LEU A 146 12.35 -13.31 -17.53
C LEU A 146 11.83 -14.44 -16.63
N LEU A 147 10.54 -14.37 -16.24
CA LEU A 147 9.90 -15.43 -15.42
C LEU A 147 9.73 -16.70 -16.23
N LEU A 149 11.77 -17.76 -18.73
CA LEU A 149 13.09 -18.39 -18.87
C LEU A 149 13.48 -19.16 -17.59
N GLY A 150 13.24 -18.53 -16.43
CA GLY A 150 13.54 -19.13 -15.13
C GLY A 150 12.69 -20.35 -14.82
N GLN A 151 11.41 -20.33 -15.26
CA GLN A 151 10.50 -21.45 -15.06
C GLN A 151 10.96 -22.68 -15.85
N ASP A 152 11.38 -22.49 -17.12
CA ASP A 152 11.88 -23.59 -17.97
C ASP A 152 13.24 -24.09 -17.49
N ALA A 153 14.03 -23.20 -16.84
CA ALA A 153 15.35 -23.56 -16.32
C ALA A 153 15.25 -24.28 -14.96
N GLY A 154 14.04 -24.36 -14.42
CA GLY A 154 13.78 -25.00 -13.13
C GLY A 154 14.10 -24.11 -11.95
N ALA A 155 14.38 -22.83 -12.21
CA ALA A 155 14.72 -21.88 -11.16
C ALA A 155 13.47 -21.36 -10.45
N PHE A 156 12.40 -21.07 -11.22
CA PHE A 156 11.16 -20.54 -10.64
C PHE A 156 10.02 -21.54 -10.73
N ARG A 157 9.03 -21.40 -9.84
CA ARG A 157 7.84 -22.24 -9.84
C ARG A 157 6.72 -21.62 -10.71
N PRO A 158 5.85 -22.44 -11.35
CA PRO A 158 4.75 -21.87 -12.14
C PRO A 158 3.64 -21.32 -11.24
N GLY A 159 2.76 -20.51 -11.82
CA GLY A 159 1.61 -19.96 -11.11
C GLY A 159 1.76 -18.50 -10.74
N ILE A 160 2.93 -17.89 -11.06
CA ILE A 160 3.18 -16.48 -10.76
C ILE A 160 3.38 -15.69 -12.05
N SER A 161 2.56 -14.65 -12.27
CA SER A 161 2.66 -13.82 -13.47
C SER A 161 3.49 -12.57 -13.19
N ALA A 162 3.87 -11.83 -14.25
CA ALA A 162 4.61 -10.57 -14.09
C ALA A 162 3.78 -9.56 -13.34
N GLN A 163 2.44 -9.62 -13.51
CA GLN A 163 1.53 -8.73 -12.80
C GLN A 163 1.51 -9.06 -11.30
N ASP A 164 1.61 -10.37 -10.95
CA ASP A 164 1.69 -10.81 -9.55
C ASP A 164 2.97 -10.29 -8.91
N VAL A 165 4.12 -10.39 -9.63
CA VAL A 165 5.42 -9.91 -9.13
C VAL A 165 5.39 -8.38 -8.96
N PHE A 166 4.86 -7.64 -9.98
CA PHE A 166 4.79 -6.17 -9.93
C PHE A 166 3.91 -5.69 -8.77
N THR A 167 2.75 -6.36 -8.54
CA THR A 167 1.84 -6.02 -7.44
C THR A 167 2.54 -6.19 -6.09
N LEU A 168 3.31 -7.29 -5.93
CA LEU A 168 4.07 -7.57 -4.71
C LEU A 168 5.14 -6.47 -4.46
N ILE A 169 5.86 -6.04 -5.53
CA ILE A 169 6.87 -4.98 -5.41
C ILE A 169 6.19 -3.65 -5.04
N ALA A 170 5.13 -3.27 -5.79
CA ALA A 170 4.42 -2.03 -5.57
C ALA A 170 3.81 -1.96 -4.16
N SER A 171 3.21 -3.08 -3.69
CA SER A 171 2.60 -3.13 -2.35
C SER A 171 3.59 -2.69 -1.28
N ILE A 172 4.81 -3.21 -1.32
CA ILE A 172 5.85 -2.89 -0.35
C ILE A 172 6.38 -1.45 -0.56
N ALA A 173 6.68 -1.09 -1.83
CA ALA A 173 7.23 0.23 -2.17
C ALA A 173 6.26 1.36 -1.81
N VAL A 174 4.94 1.15 -2.03
CA VAL A 174 3.92 2.16 -1.74
C VAL A 174 3.64 2.25 -0.23
N PHE A 175 3.54 1.08 0.46
CA PHE A 175 3.25 1.04 1.92
C PHE A 175 4.26 1.88 2.71
N ARG A 176 5.54 1.86 2.31
CA ARG A 176 6.61 2.64 2.93
C ARG A 176 6.25 4.14 2.94
N ILE A 177 5.58 4.62 1.87
CA ILE A 177 5.25 6.03 1.73
C ILE A 177 3.84 6.34 2.25
N ASN A 178 2.82 5.62 1.75
CA ASN A 178 1.41 5.92 2.04
C ASN A 178 0.96 5.54 3.47
N SER A 179 1.78 4.77 4.21
CA SER A 179 1.43 4.36 5.59
C SER A 179 2.54 4.68 6.59
N ARG A 180 3.38 5.69 6.27
CA ARG A 180 4.52 6.08 7.10
C ARG A 180 4.09 6.68 8.45
N SER A 181 3.09 7.59 8.45
CA SER A 181 2.68 8.32 9.65
C SER A 181 2.03 7.41 10.71
N THR A 182 1.09 6.53 10.29
CA THR A 182 0.41 5.62 11.23
C THR A 182 1.36 4.56 11.80
N THR A 183 2.31 4.06 10.95
CA THR A 183 3.32 3.09 11.39
C THR A 183 4.25 3.71 12.44
N LEU A 184 4.65 4.98 12.22
CA LEU A 184 5.51 5.70 13.14
C LEU A 184 4.79 5.96 14.48
N ASN A 185 3.46 6.13 14.43
CA ASN A 185 2.67 6.37 15.64
C ASN A 185 2.41 5.07 16.42
N LEU A 186 2.05 3.99 15.72
CA LEU A 186 1.66 2.73 16.36
C LEU A 186 2.87 1.88 16.76
N TYR A 187 3.96 1.92 15.97
CA TYR A 187 5.09 1.01 16.19
C TYR A 187 6.43 1.74 16.42
N GLY A 188 6.43 3.06 16.23
CA GLY A 188 7.64 3.86 16.40
C GLY A 188 8.71 3.57 15.37
N ILE A 189 8.27 3.25 14.12
CA ILE A 189 9.18 2.91 13.03
C ILE A 189 8.99 3.87 11.85
N ASP A 190 10.02 4.64 11.52
CA ASP A 190 9.98 5.52 10.36
C ASP A 190 10.47 4.77 9.11
N ASN A 193 13.10 6.52 6.70
CA ASN A 193 14.49 6.86 7.08
C ASN A 193 15.48 5.93 6.36
N GLY A 194 16.77 6.30 6.39
CA GLY A 194 17.83 5.57 5.69
C GLY A 194 17.81 4.06 5.90
N ASP A 195 17.94 3.61 7.17
CA ASP A 195 18.00 2.19 7.50
C ASP A 195 16.76 1.43 7.04
N ASN A 196 15.57 2.00 7.28
CA ASN A 196 14.32 1.33 6.93
C ASN A 196 14.02 1.36 5.43
N THR A 197 14.50 2.40 4.70
CA THR A 197 14.36 2.44 3.23
C THR A 197 15.20 1.30 2.59
N ASP A 198 16.36 0.99 3.20
CA ASP A 198 17.21 -0.12 2.75
C ASP A 198 16.55 -1.47 3.10
N GLY A 199 15.98 -1.54 4.32
CA GLY A 199 15.29 -2.74 4.80
C GLY A 199 14.06 -3.08 3.99
N ARG A 201 13.67 -2.25 0.84
CA ARG A 201 14.21 -2.70 -0.45
C ARG A 201 14.63 -4.16 -0.32
N ARG A 202 15.35 -4.51 0.77
CA ARG A 202 15.75 -5.90 1.05
C ARG A 202 14.52 -6.79 1.14
N ALA A 204 11.56 -6.27 -0.27
CA ALA A 204 11.00 -6.39 -1.62
C ALA A 204 11.78 -7.42 -2.45
N VAL A 205 13.13 -7.37 -2.40
CA VAL A 205 13.98 -8.31 -3.14
C VAL A 205 13.85 -9.74 -2.59
N ASP A 206 14.11 -9.92 -1.27
CA ASP A 206 14.08 -11.24 -0.63
C ASP A 206 12.68 -11.89 -0.69
N THR A 207 11.62 -11.07 -0.55
CA THR A 207 10.23 -11.57 -0.62
C THR A 207 9.89 -12.11 -2.02
N VAL A 208 10.22 -11.33 -3.09
CA VAL A 208 9.96 -11.74 -4.47
C VAL A 208 10.75 -13.01 -4.84
N LEU A 209 12.06 -13.03 -4.54
CA LEU A 209 12.92 -14.18 -4.89
C LEU A 209 12.50 -15.45 -4.15
N ALA A 210 12.12 -15.32 -2.85
CA ALA A 210 11.66 -16.47 -2.06
C ALA A 210 10.33 -16.98 -2.60
N PHE A 211 9.44 -16.06 -2.98
CA PHE A 211 8.13 -16.38 -3.54
C PHE A 211 8.26 -17.17 -4.86
N LEU A 212 9.22 -16.78 -5.72
CA LEU A 212 9.45 -17.42 -7.02
C LEU A 212 10.17 -18.76 -6.88
N THR A 213 11.06 -18.89 -5.88
CA THR A 213 11.87 -20.10 -5.70
C THR A 213 11.36 -20.98 -4.54
N SER A 214 10.07 -20.86 -4.19
CA SER A 214 9.48 -21.61 -3.08
C SER A 214 9.25 -23.08 -3.46
N ASN A 215 9.52 -24.00 -2.50
CA ASN A 215 9.30 -25.42 -2.70
C ASN A 215 7.96 -25.85 -2.06
N LEU A 216 7.23 -24.87 -1.45
CA LEU A 216 5.95 -25.15 -0.80
C LEU A 216 4.85 -25.47 -1.81
N LYS A 217 3.86 -26.30 -1.41
CA LYS A 217 2.75 -26.68 -2.29
C LYS A 217 1.81 -25.50 -2.51
N SER A 218 1.50 -25.19 -3.78
CA SER A 218 0.62 -24.07 -4.12
C SER A 218 -0.60 -24.55 -4.90
N ALA A 219 -1.61 -23.66 -5.08
CA ALA A 219 -2.85 -23.98 -5.78
C ALA A 219 -2.60 -24.31 -7.27
N ASP A 220 -3.54 -25.06 -7.90
CA ASP A 220 -3.43 -25.44 -9.32
C ASP A 220 -3.68 -24.23 -10.25
N GLU A 221 -3.94 -23.04 -9.67
CA GLU A 221 -4.14 -21.81 -10.46
C GLU A 221 -2.85 -21.36 -11.12
N ASP A 222 -2.94 -20.87 -12.37
CA ASP A 222 -1.77 -20.45 -13.14
C ASP A 222 -1.39 -18.98 -12.87
N SER A 223 -2.19 -18.28 -12.02
CA SER A 223 -1.93 -16.88 -11.67
C SER A 223 -2.65 -16.50 -10.37
N TYR A 224 -2.07 -15.56 -9.61
CA TYR A 224 -2.71 -15.07 -8.39
C TYR A 224 -3.76 -14.02 -8.72
N LEU A 225 -3.41 -13.04 -9.58
CA LEU A 225 -4.34 -12.03 -10.04
C LEU A 225 -4.82 -12.33 -11.46
N SER A 226 -6.13 -12.20 -11.70
CA SER A 226 -6.72 -12.52 -13.00
C SER A 226 -7.40 -11.31 -13.65
N ARG A 227 -7.62 -11.37 -14.97
CA ARG A 227 -8.29 -10.29 -15.71
C ARG A 227 -9.31 -10.85 -16.72
N PRO A 228 -10.63 -10.63 -16.50
CA PRO A 228 -11.62 -11.17 -17.45
C PRO A 228 -11.75 -10.33 -18.71
N VAL B 18 -29.55 6.53 20.27
CA VAL B 18 -28.29 6.26 19.57
C VAL B 18 -27.15 6.02 20.57
N SER B 19 -26.22 5.10 20.21
CA SER B 19 -25.10 4.77 21.10
C SER B 19 -23.79 5.43 20.64
N THR B 20 -22.74 5.38 21.50
CA THR B 20 -21.42 5.92 21.18
C THR B 20 -20.80 5.18 19.97
N ASP B 21 -21.00 3.84 19.91
CA ASP B 21 -20.50 3.02 18.79
C ASP B 21 -21.20 3.36 17.48
N THR B 22 -22.51 3.70 17.55
CA THR B 22 -23.29 4.03 16.36
C THR B 22 -22.79 5.33 15.70
N VAL B 23 -22.59 6.39 16.52
CA VAL B 23 -22.07 7.68 16.01
C VAL B 23 -20.64 7.52 15.48
N LEU B 24 -19.82 6.70 16.17
CA LEU B 24 -18.45 6.42 15.76
C LEU B 24 -18.39 5.72 14.39
N ASP B 25 -19.40 4.87 14.09
CA ASP B 25 -19.47 4.17 12.80
C ASP B 25 -19.84 5.11 11.66
N ILE B 26 -20.90 5.95 11.85
CA ILE B 26 -21.34 6.92 10.83
C ILE B 26 -20.22 7.93 10.53
N ALA B 27 -19.55 8.45 11.59
CA ALA B 27 -18.46 9.42 11.43
C ALA B 27 -17.27 8.82 10.69
N LEU B 28 -16.90 7.55 11.02
CA LEU B 28 -15.77 6.87 10.36
C LEU B 28 -16.01 6.75 8.84
N SER B 29 -17.26 6.41 8.43
CA SER B 29 -17.61 6.27 7.01
C SER B 29 -17.46 7.59 6.25
N LEU B 30 -17.98 8.71 6.82
CA LEU B 30 -17.88 10.03 6.18
C LEU B 30 -16.44 10.51 6.05
N PHE B 31 -15.64 10.38 7.14
CA PHE B 31 -14.23 10.80 7.12
C PHE B 31 -13.42 10.00 6.10
N SER B 32 -13.74 8.70 5.92
CA SER B 32 -13.01 7.83 4.99
C SER B 32 -13.39 8.12 3.52
N GLU B 33 -14.55 8.79 3.29
CA GLU B 33 -15.03 9.07 1.93
C GLU B 33 -14.79 10.54 1.53
N LEU B 34 -15.22 11.48 2.39
CA LEU B 34 -15.19 12.91 2.05
C LEU B 34 -13.95 13.63 2.61
N GLY B 35 -13.34 13.04 3.63
CA GLY B 35 -12.24 13.67 4.34
C GLY B 35 -12.70 14.52 5.50
N PHE B 36 -11.76 15.08 6.28
CA PHE B 36 -12.10 15.88 7.48
C PHE B 36 -12.79 17.19 7.10
N SER B 37 -12.39 17.80 5.97
CA SER B 37 -12.93 19.11 5.56
C SER B 37 -14.43 19.03 5.15
N ASP B 38 -14.77 18.08 4.25
CA ASP B 38 -16.13 17.98 3.69
C ASP B 38 -17.13 17.29 4.63
N ALA B 39 -16.67 16.30 5.42
CA ALA B 39 -17.55 15.59 6.36
C ALA B 39 -18.01 16.53 7.48
N LYS B 40 -19.32 16.88 7.49
CA LYS B 40 -19.86 17.85 8.46
C LYS B 40 -20.51 17.16 9.66
N LEU B 41 -20.43 17.80 10.85
CA LEU B 41 -21.04 17.28 12.09
C LEU B 41 -22.56 17.19 11.98
N GLU B 42 -23.18 18.17 11.27
CA GLU B 42 -24.63 18.19 11.07
C GLU B 42 -25.09 16.97 10.26
N ALA B 43 -24.26 16.55 9.25
CA ALA B 43 -24.55 15.37 8.45
C ALA B 43 -24.44 14.11 9.28
N ILE B 44 -23.44 14.05 10.19
CA ILE B 44 -23.26 12.91 11.11
C ILE B 44 -24.41 12.85 12.12
N ALA B 45 -24.82 14.03 12.66
CA ALA B 45 -25.93 14.12 13.62
C ALA B 45 -27.25 13.69 12.98
N LYS B 46 -27.46 14.04 11.68
CA LYS B 46 -28.67 13.68 10.96
C LYS B 46 -28.78 12.16 10.74
N LYS B 47 -27.66 11.51 10.36
CA LYS B 47 -27.65 10.07 10.13
C LYS B 47 -27.64 9.27 11.43
N SER B 48 -26.82 9.71 12.42
CA SER B 48 -26.69 8.99 13.70
C SER B 48 -27.94 9.11 14.55
N GLY B 49 -28.59 10.27 14.50
CA GLY B 49 -29.76 10.54 15.34
C GLY B 49 -29.38 11.21 16.64
N SER B 51 -27.82 14.27 18.72
CA SER B 51 -27.68 15.73 18.55
C SER B 51 -26.21 16.15 18.51
N LYS B 52 -25.88 17.23 17.75
CA LYS B 52 -24.50 17.73 17.65
C LYS B 52 -23.94 18.09 19.03
N ARG B 53 -24.81 18.59 19.95
CA ARG B 53 -24.42 18.94 21.31
C ARG B 53 -23.98 17.70 22.11
N ILE B 55 -22.93 14.80 20.73
CA ILE B 55 -21.74 14.24 20.06
C ILE B 55 -20.47 14.90 20.62
N HIS B 56 -20.57 16.20 20.96
CA HIS B 56 -19.46 16.94 21.54
C HIS B 56 -19.20 16.49 23.00
N TYR B 57 -20.25 15.97 23.68
CA TYR B 57 -20.15 15.51 25.08
C TYR B 57 -19.28 14.26 25.20
N HIS B 58 -19.43 13.29 24.27
CA HIS B 58 -18.69 12.03 24.34
C HIS B 58 -17.37 12.07 23.59
N PHE B 59 -17.33 12.74 22.43
CA PHE B 59 -16.15 12.72 21.57
C PHE B 59 -15.32 14.01 21.64
N GLY B 60 -15.92 15.08 22.16
CA GLY B 60 -15.27 16.38 22.22
C GLY B 60 -15.49 17.19 20.95
N ASP B 61 -14.47 17.97 20.54
CA ASP B 61 -14.56 18.75 19.30
C ASP B 61 -14.54 17.82 18.07
N LYS B 62 -14.63 18.40 16.85
CA LYS B 62 -14.64 17.60 15.62
C LYS B 62 -13.34 16.79 15.45
N ARG B 63 -12.19 17.38 15.86
CA ARG B 63 -10.91 16.67 15.81
C ARG B 63 -10.83 15.55 16.83
N GLY B 64 -11.53 15.72 17.95
CA GLY B 64 -11.67 14.68 18.96
C GLY B 64 -12.42 13.48 18.43
N LEU B 65 -13.52 13.73 17.69
CA LEU B 65 -14.30 12.67 17.02
C LEU B 65 -13.45 12.02 15.92
N TYR B 66 -12.68 12.83 15.16
CA TYR B 66 -11.81 12.34 14.08
C TYR B 66 -10.74 11.36 14.60
N ILE B 67 -10.07 11.71 15.73
CA ILE B 67 -9.06 10.85 16.34
C ILE B 67 -9.68 9.55 16.90
N CYS B 68 -10.94 9.64 17.41
CA CYS B 68 -11.68 8.45 17.87
C CYS B 68 -11.93 7.49 16.71
N CYS B 69 -12.20 8.05 15.49
CA CYS B 69 -12.41 7.25 14.29
C CYS B 69 -11.12 6.54 13.87
N LEU B 70 -9.96 7.21 14.01
CA LEU B 70 -8.66 6.60 13.70
C LEU B 70 -8.35 5.47 14.67
N GLU B 71 -8.65 5.68 15.98
CA GLU B 71 -8.46 4.66 17.01
C GLU B 71 -9.37 3.46 16.75
N GLU B 72 -10.61 3.74 16.27
CA GLU B 72 -11.57 2.69 15.91
C GLU B 72 -11.09 1.93 14.69
N ALA B 73 -10.57 2.66 13.67
CA ALA B 73 -10.06 2.05 12.44
C ALA B 73 -8.96 1.04 12.75
N VAL B 74 -8.00 1.40 13.66
CA VAL B 74 -6.92 0.51 14.06
C VAL B 74 -7.49 -0.72 14.78
N ARG B 75 -8.49 -0.51 15.66
CA ARG B 75 -9.13 -1.56 16.44
C ARG B 75 -9.87 -2.56 15.50
N ARG B 76 -10.60 -2.04 14.48
CA ARG B 76 -11.33 -2.87 13.52
C ARG B 76 -10.40 -3.77 12.72
N LEU B 77 -9.17 -3.31 12.44
CA LEU B 77 -8.21 -4.05 11.64
C LEU B 77 -7.35 -5.00 12.49
N ARG B 78 -7.43 -4.88 13.83
CA ARG B 78 -6.64 -5.74 14.73
C ARG B 78 -7.41 -7.04 15.06
N PRO B 79 -6.88 -8.21 14.65
CA PRO B 79 -7.58 -9.48 14.94
C PRO B 79 -7.52 -9.85 16.42
N THR B 80 -8.56 -10.50 16.93
CA THR B 80 -8.60 -10.93 18.33
C THR B 80 -7.73 -12.18 18.53
N ALA B 81 -7.33 -12.47 19.79
CA ALA B 81 -6.59 -13.70 20.11
C ALA B 81 -7.44 -14.94 19.80
N GLU B 82 -8.79 -14.77 19.85
CA GLU B 82 -9.74 -15.82 19.48
C GLU B 82 -9.65 -16.13 17.98
N GLU B 83 -9.51 -15.08 17.15
CA GLU B 83 -9.44 -15.22 15.69
C GLU B 83 -8.08 -15.78 15.24
N TYR B 85 -6.26 -18.09 17.33
CA TYR B 85 -5.98 -19.32 18.07
C TYR B 85 -5.89 -20.52 17.13
N LEU B 86 -4.90 -21.40 17.36
CA LEU B 86 -4.77 -22.65 16.62
C LEU B 86 -4.15 -23.74 17.50
N ALA B 87 -4.80 -24.92 17.54
CA ALA B 87 -4.31 -26.06 18.32
C ALA B 87 -3.09 -26.70 17.67
N SER B 88 -3.05 -26.72 16.31
CA SER B 88 -1.95 -27.32 15.54
C SER B 88 -0.62 -26.60 15.84
N ALA B 89 0.30 -27.30 16.54
CA ALA B 89 1.58 -26.74 16.96
C ALA B 89 2.47 -26.38 15.77
N VAL B 90 2.27 -27.06 14.61
CA VAL B 90 3.06 -26.80 13.39
C VAL B 90 3.18 -25.30 13.11
N PRO B 91 4.42 -24.74 13.18
CA PRO B 91 4.57 -23.27 13.05
C PRO B 91 4.12 -22.73 11.69
N VAL B 92 4.29 -23.55 10.61
CA VAL B 92 3.86 -23.14 9.27
C VAL B 92 2.34 -22.87 9.23
N GLU B 93 1.53 -23.84 9.71
CA GLU B 93 0.06 -23.70 9.72
C GLU B 93 -0.39 -22.64 10.74
N GLY B 94 0.42 -22.42 11.77
CA GLY B 94 0.17 -21.38 12.75
C GLY B 94 0.31 -20.00 12.15
N VAL B 95 1.39 -19.77 11.37
CA VAL B 95 1.61 -18.50 10.66
C VAL B 95 0.51 -18.28 9.61
N ARG B 96 0.11 -19.36 8.90
CA ARG B 96 -0.98 -19.32 7.91
C ARG B 96 -2.27 -18.76 8.56
N THR B 97 -2.59 -19.24 9.79
CA THR B 97 -3.77 -18.78 10.53
C THR B 97 -3.66 -17.28 10.86
N ILE B 98 -2.47 -16.83 11.31
CA ILE B 98 -2.23 -15.41 11.60
C ILE B 98 -2.43 -14.54 10.34
N VAL B 99 -1.80 -14.95 9.21
CA VAL B 99 -1.89 -14.20 7.94
C VAL B 99 -3.34 -14.08 7.46
N GLU B 100 -4.07 -15.22 7.41
CA GLU B 100 -5.46 -15.23 6.95
C GLU B 100 -6.40 -14.45 7.89
N ALA B 101 -6.12 -14.52 9.22
CA ALA B 101 -6.91 -13.78 10.22
C ALA B 101 -6.75 -12.27 10.03
N VAL B 102 -5.49 -11.81 9.84
CA VAL B 102 -5.19 -10.39 9.63
C VAL B 102 -5.79 -9.91 8.31
N PHE B 103 -5.54 -10.65 7.21
CA PHE B 103 -6.02 -10.29 5.88
C PHE B 103 -7.55 -10.19 5.85
N HIS B 104 -8.26 -11.11 6.53
CA HIS B 104 -9.73 -11.13 6.55
C HIS B 104 -10.31 -9.82 7.12
N ARG B 105 -9.70 -9.28 8.19
CA ARG B 105 -10.17 -8.04 8.80
C ARG B 105 -10.01 -6.85 7.87
N TYR B 106 -8.95 -6.87 7.04
CA TYR B 106 -8.75 -5.83 6.03
C TYR B 106 -9.82 -5.92 4.94
N VAL B 107 -10.22 -7.15 4.56
CA VAL B 107 -11.29 -7.38 3.59
C VAL B 107 -12.65 -6.90 4.14
N GLN B 108 -12.93 -7.21 5.43
CA GLN B 108 -14.20 -6.87 6.07
C GLN B 108 -14.30 -5.38 6.43
N HIS B 109 -13.15 -4.71 6.59
CA HIS B 109 -13.16 -3.30 6.99
C HIS B 109 -12.37 -2.41 6.01
N PRO B 110 -12.84 -2.25 4.74
CA PRO B 110 -12.15 -1.35 3.81
C PRO B 110 -12.30 0.12 4.22
N GLU B 111 -13.39 0.44 4.94
CA GLU B 111 -13.62 1.82 5.43
C GLU B 111 -12.57 2.21 6.48
N ALA B 112 -12.08 1.22 7.27
CA ALA B 112 -11.03 1.45 8.26
C ALA B 112 -9.68 1.70 7.56
N VAL B 113 -9.46 1.00 6.41
CA VAL B 113 -8.24 1.15 5.62
C VAL B 113 -8.18 2.55 5.00
N ARG B 114 -9.31 3.00 4.37
CA ARG B 114 -9.39 4.36 3.78
C ARG B 114 -9.30 5.43 4.87
N LEU B 116 -7.48 5.32 7.72
CA LEU B 116 -6.07 5.50 8.07
C LEU B 116 -5.28 6.13 6.90
N GLN B 117 -5.69 5.83 5.65
CA GLN B 117 -5.05 6.38 4.44
CA GLN B 117 -5.01 6.40 4.48
C GLN B 117 -5.35 7.88 4.32
N GLU B 119 -5.54 9.97 6.86
CA GLU B 119 -4.58 10.59 7.77
C GLU B 119 -3.17 10.59 7.16
N ASN B 120 -2.80 9.49 6.50
CA ASN B 120 -1.47 9.35 5.90
C ASN B 120 -1.24 10.30 4.71
N LEU B 121 -2.34 10.70 4.00
CA LEU B 121 -2.24 11.70 2.92
C LEU B 121 -2.28 13.10 3.49
N HIS B 122 -3.47 13.57 3.92
CA HIS B 122 -3.60 14.86 4.61
C HIS B 122 -3.49 14.61 6.09
N HIS B 123 -2.44 15.11 6.71
CA HIS B 123 -2.20 14.83 8.12
C HIS B 123 -3.10 15.68 9.03
N TYR B 124 -4.41 15.36 9.04
CA TYR B 124 -5.40 16.13 9.81
C TYR B 124 -5.12 16.11 11.31
N GLY B 125 -4.66 14.96 11.81
CA GLY B 125 -4.40 14.78 13.23
C GLY B 125 -2.93 14.76 13.60
N LYS B 126 -2.02 15.03 12.61
CA LYS B 126 -0.56 14.98 12.85
C LYS B 126 -0.19 13.80 13.77
N VAL B 127 -0.64 12.60 13.38
CA VAL B 127 -0.60 11.41 14.23
C VAL B 127 0.83 10.86 14.43
N ALA B 128 1.72 11.02 13.41
CA ALA B 128 3.10 10.52 13.49
C ALA B 128 3.84 11.01 14.76
N GLU B 129 3.74 12.33 15.05
CA GLU B 129 4.37 12.91 16.24
C GLU B 129 3.33 13.10 17.37
N ALA B 130 2.51 12.05 17.63
CA ALA B 130 1.47 12.11 18.65
C ALA B 130 1.37 10.79 19.43
N SER B 131 0.50 10.75 20.47
CA SER B 131 0.29 9.55 21.30
C SER B 131 -0.21 8.36 20.45
N PRO B 132 0.29 7.13 20.71
CA PRO B 132 -0.15 5.97 19.89
C PRO B 132 -1.67 5.79 19.88
N LEU B 133 -2.24 5.51 18.69
CA LEU B 133 -3.69 5.32 18.54
C LEU B 133 -4.17 4.06 19.25
N SER B 134 -3.29 3.03 19.33
CA SER B 134 -3.65 1.77 19.97
C SER B 134 -2.39 1.01 20.43
N ASP B 135 -2.53 0.13 21.44
CA ASP B 135 -1.44 -0.71 21.92
C ASP B 135 -1.40 -2.03 21.12
N GLN B 136 -0.61 -2.05 20.02
CA GLN B 136 -0.57 -3.20 19.11
C GLN B 136 0.42 -4.30 19.60
N SER B 137 0.81 -4.25 20.90
CA SER B 137 1.70 -5.27 21.51
C SER B 137 0.98 -6.67 21.59
N ALA B 138 -0.24 -6.78 20.99
CA ALA B 138 -1.05 -8.00 21.05
C ALA B 138 -0.73 -8.98 19.88
N ILE B 139 -1.00 -8.55 18.62
CA ILE B 139 -0.76 -9.39 17.45
C ILE B 139 0.75 -9.63 17.23
N THR B 140 1.59 -8.68 17.69
CA THR B 140 3.05 -8.77 17.56
C THR B 140 3.60 -9.87 18.48
N LEU B 141 3.14 -9.91 19.76
CA LEU B 141 3.61 -10.88 20.77
C LEU B 141 3.29 -12.32 20.36
N GLN B 142 2.05 -12.57 19.90
CA GLN B 142 1.61 -13.90 19.49
C GLN B 142 2.38 -14.39 18.23
N LEU B 143 2.80 -13.45 17.37
CA LEU B 143 3.54 -13.77 16.15
C LEU B 143 5.04 -13.97 16.44
N ASP B 144 5.62 -13.13 17.36
CA ASP B 144 7.04 -13.25 17.75
C ASP B 144 7.32 -14.60 18.40
N ARG B 145 6.40 -15.09 19.24
CA ARG B 145 6.53 -16.39 19.90
C ARG B 145 6.46 -17.51 18.87
N LEU B 146 5.56 -17.37 17.90
CA LEU B 146 5.36 -18.36 16.86
C LEU B 146 6.59 -18.45 15.93
N LEU B 147 7.19 -17.28 15.59
CA LEU B 147 8.41 -17.24 14.76
C LEU B 147 9.60 -17.79 15.53
N LEU B 149 9.48 -20.22 17.90
CA LEU B 149 9.35 -21.68 17.96
C LEU B 149 9.78 -22.33 16.66
N GLY B 150 9.36 -21.75 15.53
CA GLY B 150 9.69 -22.26 14.20
C GLY B 150 11.16 -22.13 13.85
N GLN B 151 11.81 -21.06 14.34
CA GLN B 151 13.23 -20.84 14.12
C GLN B 151 14.07 -21.91 14.83
N ASP B 152 13.72 -22.24 16.10
CA ASP B 152 14.43 -23.26 16.88
C ASP B 152 14.13 -24.67 16.34
N ALA B 153 12.96 -24.86 15.72
CA ALA B 153 12.56 -26.14 15.14
C ALA B 153 13.20 -26.36 13.76
N GLY B 154 13.89 -25.34 13.25
CA GLY B 154 14.54 -25.39 11.94
C GLY B 154 13.59 -25.15 10.78
N ALA B 155 12.35 -24.73 11.10
CA ALA B 155 11.33 -24.48 10.08
C ALA B 155 11.53 -23.11 9.43
N PHE B 156 11.85 -22.09 10.24
CA PHE B 156 12.02 -20.73 9.72
C PHE B 156 13.47 -20.26 9.80
N ARG B 157 13.84 -19.30 8.93
CA ARG B 157 15.17 -18.72 8.94
C ARG B 157 15.23 -17.48 9.87
N PRO B 158 16.39 -17.19 10.48
CA PRO B 158 16.49 -15.99 11.33
C PRO B 158 16.57 -14.71 10.48
N GLY B 159 16.36 -13.57 11.12
CA GLY B 159 16.46 -12.27 10.46
C GLY B 159 15.12 -11.63 10.16
N ILE B 160 14.01 -12.33 10.46
CA ILE B 160 12.67 -11.79 10.22
C ILE B 160 11.91 -11.63 11.55
N SER B 161 11.45 -10.40 11.83
CA SER B 161 10.71 -10.12 13.06
C SER B 161 9.21 -10.18 12.81
N ALA B 162 8.40 -10.18 13.89
CA ALA B 162 6.94 -10.16 13.76
C ALA B 162 6.49 -8.89 13.07
N GLN B 163 7.23 -7.77 13.28
CA GLN B 163 6.92 -6.50 12.64
C GLN B 163 7.19 -6.58 11.14
N ASP B 164 8.24 -7.34 10.73
CA ASP B 164 8.56 -7.55 9.32
C ASP B 164 7.44 -8.35 8.64
N VAL B 165 6.96 -9.42 9.33
CA VAL B 165 5.87 -10.26 8.82
C VAL B 165 4.57 -9.46 8.71
N PHE B 166 4.22 -8.68 9.76
CA PHE B 166 3.00 -7.87 9.75
C PHE B 166 3.04 -6.82 8.63
N THR B 167 4.19 -6.12 8.46
CA THR B 167 4.35 -5.11 7.40
C THR B 167 4.11 -5.73 6.02
N LEU B 168 4.65 -6.94 5.79
CA LEU B 168 4.46 -7.66 4.54
C LEU B 168 2.96 -8.01 4.31
N ILE B 169 2.25 -8.46 5.37
CA ILE B 169 0.81 -8.76 5.28
C ILE B 169 0.02 -7.48 4.99
N ALA B 170 0.27 -6.41 5.78
CA ALA B 170 -0.44 -5.14 5.63
C ALA B 170 -0.21 -4.53 4.25
N SER B 171 1.04 -4.56 3.74
CA SER B 171 1.38 -4.02 2.41
C SER B 171 0.46 -4.58 1.33
N ILE B 172 0.28 -5.90 1.33
CA ILE B 172 -0.56 -6.58 0.34
C ILE B 172 -2.05 -6.30 0.60
N ALA B 173 -2.49 -6.43 1.86
CA ALA B 173 -3.90 -6.22 2.25
C ALA B 173 -4.37 -4.79 1.94
N VAL B 174 -3.50 -3.79 2.20
CA VAL B 174 -3.83 -2.38 1.97
C VAL B 174 -3.79 -2.02 0.47
N PHE B 175 -2.76 -2.52 -0.26
CA PHE B 175 -2.62 -2.24 -1.71
C PHE B 175 -3.87 -2.64 -2.50
N ARG B 176 -4.50 -3.78 -2.11
CA ARG B 176 -5.75 -4.26 -2.73
C ARG B 176 -6.83 -3.18 -2.71
N ILE B 177 -7.03 -2.54 -1.54
CA ILE B 177 -8.06 -1.52 -1.36
C ILE B 177 -7.60 -0.16 -1.90
N ASN B 178 -6.36 0.26 -1.53
CA ASN B 178 -5.83 1.58 -1.91
C ASN B 178 -5.65 1.74 -3.39
N SER B 179 -4.70 1.00 -3.98
CA SER B 179 -4.37 1.16 -5.39
C SER B 179 -5.34 0.38 -6.33
N ARG B 180 -6.62 0.24 -5.93
CA ARG B 180 -7.62 -0.49 -6.73
C ARG B 180 -7.94 0.24 -8.05
N SER B 181 -8.19 1.56 -7.98
CA SER B 181 -8.62 2.34 -9.15
C SER B 181 -7.55 2.47 -10.24
N THR B 182 -6.29 2.78 -9.85
CA THR B 182 -5.19 2.92 -10.82
C THR B 182 -4.83 1.56 -11.45
N THR B 183 -4.86 0.47 -10.65
CA THR B 183 -4.58 -0.89 -11.14
C THR B 183 -5.64 -1.31 -12.17
N LEU B 184 -6.92 -1.00 -11.90
CA LEU B 184 -8.03 -1.31 -12.80
C LEU B 184 -7.91 -0.51 -14.10
N ASN B 185 -7.35 0.70 -14.04
CA ASN B 185 -7.18 1.55 -15.22
C ASN B 185 -5.97 1.11 -16.07
N LEU B 186 -4.83 0.83 -15.40
CA LEU B 186 -3.59 0.51 -16.10
C LEU B 186 -3.52 -0.93 -16.56
N TYR B 187 -4.10 -1.87 -15.78
CA TYR B 187 -3.93 -3.30 -16.07
C TYR B 187 -5.26 -4.05 -16.26
N GLY B 188 -6.38 -3.37 -16.02
CA GLY B 188 -7.71 -3.96 -16.17
C GLY B 188 -7.98 -5.06 -15.16
N ILE B 189 -7.44 -4.91 -13.92
CA ILE B 189 -7.59 -5.91 -12.87
C ILE B 189 -8.27 -5.28 -11.64
N ASP B 190 -9.46 -5.77 -11.28
CA ASP B 190 -10.15 -5.31 -10.09
C ASP B 190 -9.73 -6.16 -8.89
N ASN B 193 -12.54 -7.64 -6.45
CA ASN B 193 -13.56 -8.61 -6.83
C ASN B 193 -13.29 -9.96 -6.13
N GLY B 194 -14.25 -10.88 -6.22
CA GLY B 194 -14.16 -12.18 -5.55
C GLY B 194 -12.87 -12.93 -5.84
N ASP B 195 -12.60 -13.24 -7.13
CA ASP B 195 -11.42 -14.02 -7.54
C ASP B 195 -10.12 -13.37 -7.08
N ASN B 196 -9.99 -12.04 -7.27
CA ASN B 196 -8.76 -11.33 -6.93
C ASN B 196 -8.58 -11.13 -5.42
N THR B 197 -9.70 -11.03 -4.66
CA THR B 197 -9.62 -10.96 -3.19
C THR B 197 -9.06 -12.29 -2.62
N ASP B 198 -9.41 -13.43 -3.26
CA ASP B 198 -8.89 -14.73 -2.89
C ASP B 198 -7.40 -14.85 -3.30
N GLY B 199 -7.08 -14.35 -4.51
CA GLY B 199 -5.72 -14.36 -5.02
C GLY B 199 -4.77 -13.51 -4.20
N ARG B 201 -5.19 -12.90 -1.00
CA ARG B 201 -5.04 -13.64 0.24
C ARG B 201 -4.01 -14.75 0.05
N ARG B 202 -4.12 -15.50 -1.08
CA ARG B 202 -3.15 -16.54 -1.44
C ARG B 202 -1.75 -15.95 -1.53
N ALA B 204 -0.63 -13.21 -0.03
CA ALA B 204 -0.21 -12.85 1.33
C ALA B 204 0.30 -14.10 2.09
N VAL B 205 -0.45 -15.22 2.02
CA VAL B 205 -0.07 -16.46 2.69
C VAL B 205 1.21 -17.06 2.08
N ASP B 206 1.19 -17.32 0.74
CA ASP B 206 2.32 -17.95 0.05
C ASP B 206 3.60 -17.09 0.12
N THR B 207 3.45 -15.76 0.03
CA THR B 207 4.60 -14.83 0.11
C THR B 207 5.26 -14.90 1.50
N VAL B 208 4.45 -14.82 2.58
CA VAL B 208 4.98 -14.86 3.96
C VAL B 208 5.65 -16.21 4.25
N LEU B 209 4.99 -17.33 3.92
CA LEU B 209 5.53 -18.68 4.20
C LEU B 209 6.82 -18.95 3.41
N ALA B 210 6.88 -18.50 2.14
CA ALA B 210 8.08 -18.66 1.31
C ALA B 210 9.22 -17.81 1.85
N PHE B 211 8.90 -16.59 2.31
CA PHE B 211 9.86 -15.66 2.87
C PHE B 211 10.51 -16.23 4.16
N LEU B 212 9.68 -16.89 5.01
CA LEU B 212 10.15 -17.48 6.27
C LEU B 212 10.92 -18.79 6.06
N THR B 213 10.55 -19.56 5.03
CA THR B 213 11.16 -20.88 4.79
C THR B 213 12.15 -20.85 3.60
N SER B 214 12.70 -19.65 3.29
CA SER B 214 13.63 -19.49 2.16
C SER B 214 15.02 -20.05 2.48
N ASN B 215 15.66 -20.70 1.49
CA ASN B 215 17.02 -21.23 1.64
C ASN B 215 18.04 -20.27 1.04
N LEU B 216 17.56 -19.15 0.47
CA LEU B 216 18.42 -18.15 -0.18
C LEU B 216 19.26 -17.39 0.83
N LYS B 217 20.47 -16.93 0.41
CA LYS B 217 21.39 -16.18 1.27
C LYS B 217 20.84 -14.79 1.57
N SER B 218 20.78 -14.42 2.86
CA SER B 218 20.27 -13.12 3.28
C SER B 218 21.33 -12.33 4.06
N ALA B 219 21.06 -11.03 4.34
CA ALA B 219 22.00 -10.17 5.06
C ALA B 219 22.22 -10.64 6.51
N ASP B 220 23.37 -10.26 7.12
CA ASP B 220 23.70 -10.65 8.50
C ASP B 220 22.82 -9.88 9.53
N GLU B 221 21.91 -9.01 9.04
CA GLU B 221 21.00 -8.25 9.91
C GLU B 221 19.96 -9.17 10.55
N ASP B 222 19.63 -8.91 11.83
CA ASP B 222 18.67 -9.74 12.56
C ASP B 222 17.21 -9.28 12.37
N SER B 223 17.01 -8.20 11.58
CA SER B 223 15.67 -7.67 11.28
C SER B 223 15.69 -6.80 10.03
N TYR B 224 14.57 -6.78 9.28
CA TYR B 224 14.45 -5.90 8.10
C TYR B 224 14.10 -4.47 8.52
N LEU B 225 13.09 -4.34 9.41
CA LEU B 225 12.71 -3.03 9.95
C LEU B 225 13.25 -2.85 11.36
N SER B 226 13.81 -1.67 11.67
CA SER B 226 14.38 -1.38 12.98
C SER B 226 13.72 -0.16 13.62
N ARG B 227 13.85 -0.03 14.97
CA ARG B 227 13.30 1.10 15.72
C ARG B 227 14.28 1.57 16.80
#